data_7L71
#
_entry.id   7L71
#
_cell.length_a   88.878
_cell.length_b   29.330
_cell.length_c   35.827
_cell.angle_alpha   90.000
_cell.angle_beta   101.450
_cell.angle_gamma   90.000
#
_symmetry.space_group_name_H-M   'C 1 2 1'
#
loop_
_entity.id
_entity.type
_entity.pdbx_description
1 polymer 'Serine protease'
2 non-polymer 'CHLORIDE ION'
3 water water
#
_entity_poly.entity_id   1
_entity_poly.type   'polypeptide(L)'
_entity_poly.pdbx_seq_one_letter_code
;QVERPALGIS(MSE)AGLSNLPSDVISKLKIPSNVTNGIVVASIQSG(MSE)PAQGKLKKYDVITKVDDKEVASPSDLQS
LLYGHQVGDSITVTFYRGENKQTITIKLTKTSKDLAENLYFQ
;
_entity_poly.pdbx_strand_id   A
#
# COMPACT_ATOMS: atom_id res chain seq x y z
N GLN A 1 -12.09 9.01 -11.80
CA GLN A 1 -12.66 9.98 -10.80
C GLN A 1 -11.49 10.63 -10.04
N VAL A 2 -11.16 11.87 -10.39
CA VAL A 2 -10.00 12.60 -9.80
C VAL A 2 -10.31 13.04 -8.35
N GLU A 3 -11.59 13.12 -7.97
CA GLU A 3 -11.97 13.59 -6.61
C GLU A 3 -11.80 12.47 -5.59
N ARG A 4 -11.49 11.25 -6.04
CA ARG A 4 -11.27 10.07 -5.15
C ARG A 4 -10.01 10.32 -4.32
N PRO A 5 -9.94 9.84 -3.06
CA PRO A 5 -8.75 10.04 -2.27
C PRO A 5 -7.55 9.31 -2.90
N ALA A 6 -6.38 9.93 -2.75
CA ALA A 6 -5.10 9.42 -3.30
C ALA A 6 -4.10 9.23 -2.16
N LEU A 7 -3.34 8.12 -2.19
N LEU A 7 -3.36 8.13 -2.26
CA LEU A 7 -2.26 7.90 -1.18
CA LEU A 7 -2.35 7.71 -1.26
C LEU A 7 -0.94 8.43 -1.72
C LEU A 7 -0.96 8.18 -1.71
N GLY A 8 -0.74 8.29 -3.03
CA GLY A 8 0.55 8.69 -3.61
C GLY A 8 1.50 7.51 -3.60
N ILE A 9 1.01 6.31 -3.94
CA ILE A 9 1.94 5.16 -4.05
C ILE A 9 1.79 4.49 -5.40
N SER A 10 2.88 3.89 -5.83
CA SER A 10 2.80 2.91 -6.94
C SER A 10 3.02 1.53 -6.31
N ALA A 12 2.96 -3.08 -6.74
CA ALA A 12 3.00 -4.33 -7.50
C ALA A 12 2.44 -5.43 -6.61
N GLY A 13 1.60 -6.30 -7.17
CA GLY A 13 1.11 -7.44 -6.40
C GLY A 13 2.20 -8.48 -6.18
N LEU A 14 2.32 -9.03 -4.97
CA LEU A 14 3.34 -10.11 -4.73
C LEU A 14 3.16 -11.26 -5.70
N SER A 15 1.91 -11.63 -5.97
CA SER A 15 1.65 -12.82 -6.82
C SER A 15 2.14 -12.60 -8.26
N ASN A 16 2.55 -11.39 -8.60
CA ASN A 16 3.01 -11.10 -9.98
C ASN A 16 4.53 -10.98 -10.05
N LEU A 17 5.22 -11.09 -8.93
CA LEU A 17 6.68 -10.82 -8.93
C LEU A 17 7.49 -12.10 -8.95
N PRO A 18 8.61 -12.07 -9.69
CA PRO A 18 9.56 -13.17 -9.67
C PRO A 18 10.12 -13.41 -8.27
N SER A 19 10.53 -14.66 -8.06
N SER A 19 10.51 -14.65 -7.99
CA SER A 19 11.10 -15.17 -6.79
CA SER A 19 11.03 -15.05 -6.66
C SER A 19 12.25 -14.27 -6.31
C SER A 19 12.26 -14.22 -6.27
N ASP A 20 13.13 -13.88 -7.22
CA ASP A 20 14.32 -13.09 -6.84
C ASP A 20 13.91 -11.72 -6.34
N VAL A 21 12.88 -11.13 -6.95
CA VAL A 21 12.40 -9.79 -6.53
C VAL A 21 11.81 -9.92 -5.12
N ILE A 22 11.01 -10.95 -4.89
CA ILE A 22 10.41 -11.14 -3.55
C ILE A 22 11.49 -11.35 -2.49
N SER A 23 12.53 -12.10 -2.83
N SER A 23 12.47 -12.19 -2.80
CA SER A 23 13.60 -12.36 -1.83
CA SER A 23 13.54 -12.51 -1.81
C SER A 23 14.25 -11.05 -1.37
C SER A 23 14.17 -11.22 -1.27
N LYS A 24 14.37 -10.05 -2.26
N LYS A 24 14.38 -10.24 -2.14
CA LYS A 24 15.03 -8.76 -1.89
CA LYS A 24 15.04 -8.95 -1.78
C LYS A 24 14.18 -7.99 -0.85
C LYS A 24 14.22 -8.17 -0.74
N LEU A 25 12.90 -8.34 -0.72
CA LEU A 25 12.03 -7.61 0.24
C LEU A 25 12.30 -8.05 1.68
N LYS A 26 12.88 -9.23 1.85
CA LYS A 26 13.23 -9.80 3.17
C LYS A 26 12.01 -9.80 4.09
N ILE A 27 10.91 -10.30 3.54
CA ILE A 27 9.67 -10.51 4.32
C ILE A 27 9.60 -11.98 4.73
N PRO A 28 8.78 -12.33 5.74
CA PRO A 28 8.69 -13.72 6.15
C PRO A 28 8.19 -14.60 4.99
N SER A 29 8.67 -15.83 4.94
CA SER A 29 8.32 -16.75 3.83
C SER A 29 6.81 -17.04 3.81
N ASN A 30 6.13 -16.90 4.96
CA ASN A 30 4.67 -17.20 5.00
C ASN A 30 3.83 -15.99 4.54
N VAL A 31 4.48 -14.89 4.13
CA VAL A 31 3.72 -13.75 3.56
C VAL A 31 3.75 -13.90 2.05
N THR A 32 2.63 -14.35 1.47
CA THR A 32 2.59 -14.65 0.02
C THR A 32 1.52 -13.83 -0.71
N ASN A 33 0.63 -13.19 0.03
CA ASN A 33 -0.48 -12.38 -0.54
C ASN A 33 -0.29 -10.94 -0.06
N GLY A 34 -0.04 -10.01 -0.96
CA GLY A 34 0.11 -8.61 -0.53
C GLY A 34 0.49 -7.72 -1.68
N ILE A 35 0.75 -6.47 -1.33
CA ILE A 35 1.04 -5.41 -2.32
C ILE A 35 2.34 -4.73 -1.95
N VAL A 36 3.32 -4.81 -2.82
CA VAL A 36 4.59 -4.12 -2.58
C VAL A 36 4.43 -2.64 -2.92
N VAL A 37 4.91 -1.79 -2.02
CA VAL A 37 5.00 -0.33 -2.29
C VAL A 37 6.25 -0.11 -3.13
N ALA A 38 6.04 0.27 -4.39
CA ALA A 38 7.17 0.44 -5.32
C ALA A 38 7.72 1.87 -5.28
N SER A 39 6.88 2.84 -4.96
CA SER A 39 7.33 4.24 -4.89
C SER A 39 6.31 5.04 -4.08
N ILE A 40 6.76 6.19 -3.60
CA ILE A 40 5.91 7.12 -2.80
C ILE A 40 6.09 8.53 -3.36
N GLN A 41 4.98 9.21 -3.62
CA GLN A 41 5.00 10.60 -4.15
C GLN A 41 5.16 11.59 -3.00
N SER A 42 6.09 12.55 -3.15
N SER A 42 6.09 12.55 -3.15
CA SER A 42 6.33 13.58 -2.12
CA SER A 42 6.35 13.58 -2.12
C SER A 42 5.04 14.36 -1.86
C SER A 42 5.07 14.39 -1.86
N GLY A 43 4.79 14.71 -0.59
CA GLY A 43 3.62 15.53 -0.21
C GLY A 43 2.29 14.78 -0.25
N PRO A 45 -0.28 11.52 1.13
CA PRO A 45 -0.50 10.99 2.46
C PRO A 45 0.43 9.82 2.86
N ALA A 46 0.86 9.00 1.89
CA ALA A 46 1.72 7.86 2.26
C ALA A 46 3.13 8.32 2.70
N GLN A 47 3.56 9.51 2.30
CA GLN A 47 4.94 9.93 2.66
C GLN A 47 5.06 10.11 4.18
N GLY A 48 6.08 9.49 4.78
CA GLY A 48 6.30 9.53 6.24
C GLY A 48 5.47 8.48 6.97
N LYS A 49 4.68 7.70 6.22
CA LYS A 49 3.83 6.63 6.81
C LYS A 49 4.35 5.29 6.29
N LEU A 50 4.22 5.10 4.98
CA LEU A 50 4.73 3.89 4.30
C LEU A 50 6.11 4.20 3.76
N LYS A 51 6.79 3.13 3.36
CA LYS A 51 8.12 3.21 2.77
C LYS A 51 8.22 2.28 1.58
N LYS A 52 9.10 2.63 0.66
N LYS A 52 9.09 2.63 0.66
CA LYS A 52 9.38 1.74 -0.49
CA LYS A 52 9.36 1.73 -0.47
C LYS A 52 9.74 0.36 0.08
C LYS A 52 9.73 0.35 0.09
N TYR A 53 9.20 -0.69 -0.54
CA TYR A 53 9.45 -2.12 -0.22
C TYR A 53 8.57 -2.61 0.92
N ASP A 54 7.77 -1.73 1.54
CA ASP A 54 6.75 -2.26 2.47
C ASP A 54 5.82 -3.19 1.66
N VAL A 55 5.30 -4.20 2.34
CA VAL A 55 4.37 -5.15 1.70
C VAL A 55 3.04 -5.06 2.47
N ILE A 56 2.07 -4.41 1.86
CA ILE A 56 0.74 -4.22 2.48
C ILE A 56 -0.03 -5.52 2.39
N THR A 57 -0.57 -5.96 3.53
CA THR A 57 -1.39 -7.18 3.58
C THR A 57 -2.84 -6.89 3.94
N LYS A 58 -3.13 -5.80 4.62
CA LYS A 58 -4.54 -5.45 4.94
CA LYS A 58 -4.54 -5.44 4.93
C LYS A 58 -4.70 -3.93 4.86
N VAL A 59 -5.92 -3.53 4.54
CA VAL A 59 -6.35 -2.11 4.64
C VAL A 59 -7.70 -2.16 5.37
N ASP A 60 -7.85 -1.35 6.40
CA ASP A 60 -9.11 -1.34 7.19
C ASP A 60 -9.44 -2.76 7.66
N ASP A 61 -8.40 -3.51 8.01
CA ASP A 61 -8.52 -4.88 8.57
C ASP A 61 -9.03 -5.87 7.53
N LYS A 62 -8.99 -5.51 6.25
CA LYS A 62 -9.40 -6.46 5.20
CA LYS A 62 -9.43 -6.37 5.12
C LYS A 62 -8.18 -6.86 4.38
N GLU A 63 -8.03 -8.17 4.18
CA GLU A 63 -6.87 -8.67 3.42
C GLU A 63 -6.92 -8.12 1.99
N VAL A 64 -5.75 -7.75 1.49
CA VAL A 64 -5.57 -7.26 0.09
C VAL A 64 -4.39 -8.01 -0.52
N ALA A 65 -4.48 -8.29 -1.82
CA ALA A 65 -3.44 -9.10 -2.49
C ALA A 65 -3.08 -8.54 -3.86
N SER A 66 -3.70 -7.44 -4.28
CA SER A 66 -3.44 -6.86 -5.60
C SER A 66 -3.69 -5.37 -5.52
N PRO A 67 -3.11 -4.60 -6.46
CA PRO A 67 -3.41 -3.17 -6.50
C PRO A 67 -4.91 -2.88 -6.57
N SER A 68 -5.66 -3.64 -7.37
CA SER A 68 -7.12 -3.40 -7.48
CA SER A 68 -7.13 -3.48 -7.50
C SER A 68 -7.82 -3.63 -6.14
N ASP A 69 -7.36 -4.58 -5.34
CA ASP A 69 -7.98 -4.83 -4.01
C ASP A 69 -7.84 -3.56 -3.16
N LEU A 70 -6.66 -2.94 -3.17
CA LEU A 70 -6.45 -1.73 -2.36
C LEU A 70 -7.26 -0.58 -2.95
N GLN A 71 -7.28 -0.45 -4.28
CA GLN A 71 -8.06 0.64 -4.92
C GLN A 71 -9.54 0.52 -4.54
N SER A 72 -10.10 -0.70 -4.55
CA SER A 72 -11.52 -0.89 -4.18
C SER A 72 -11.81 -0.28 -2.80
N LEU A 73 -10.91 -0.51 -1.85
CA LEU A 73 -11.13 -0.01 -0.47
C LEU A 73 -10.88 1.48 -0.38
N LEU A 74 -9.77 1.91 -0.96
CA LEU A 74 -9.38 3.34 -0.89
C LEU A 74 -10.49 4.18 -1.52
N TYR A 75 -11.06 3.72 -2.63
CA TYR A 75 -12.06 4.53 -3.36
C TYR A 75 -13.46 4.43 -2.71
N GLY A 76 -13.66 3.51 -1.75
CA GLY A 76 -14.91 3.45 -0.96
C GLY A 76 -14.90 4.49 0.15
N HIS A 77 -13.80 5.24 0.24
CA HIS A 77 -13.64 6.33 1.22
C HIS A 77 -13.81 7.69 0.53
N GLN A 78 -13.93 8.69 1.38
CA GLN A 78 -14.00 10.10 0.98
C GLN A 78 -12.77 10.81 1.54
N VAL A 79 -12.39 11.91 0.90
CA VAL A 79 -11.32 12.77 1.46
C VAL A 79 -11.71 13.17 2.88
N GLY A 80 -10.73 13.13 3.78
CA GLY A 80 -10.93 13.45 5.19
C GLY A 80 -11.08 12.21 6.05
N ASP A 81 -11.39 11.07 5.42
CA ASP A 81 -11.43 9.79 6.15
C ASP A 81 -10.00 9.35 6.48
N SER A 82 -9.88 8.41 7.41
CA SER A 82 -8.60 7.73 7.66
C SER A 82 -8.75 6.25 7.35
N ILE A 83 -7.63 5.64 7.00
CA ILE A 83 -7.54 4.18 6.82
C ILE A 83 -6.48 3.64 7.77
N THR A 84 -6.65 2.38 8.13
CA THR A 84 -5.53 1.63 8.73
C THR A 84 -4.90 0.78 7.65
N VAL A 85 -3.61 0.54 7.81
CA VAL A 85 -2.84 -0.30 6.88
C VAL A 85 -1.99 -1.25 7.72
N THR A 86 -2.05 -2.53 7.40
CA THR A 86 -1.16 -3.55 7.98
C THR A 86 -0.14 -3.91 6.90
N PHE A 87 1.12 -3.95 7.27
CA PHE A 87 2.17 -4.17 6.28
C PHE A 87 3.38 -4.80 6.95
N TYR A 88 4.18 -5.44 6.13
CA TYR A 88 5.50 -5.96 6.54
C TYR A 88 6.56 -4.99 6.04
N ARG A 89 7.37 -4.53 6.97
CA ARG A 89 8.57 -3.73 6.67
C ARG A 89 9.71 -4.70 6.98
N GLY A 90 10.15 -5.40 5.96
CA GLY A 90 11.01 -6.56 6.20
C GLY A 90 10.28 -7.60 7.04
N GLU A 91 10.91 -8.04 8.13
CA GLU A 91 10.27 -9.08 8.98
C GLU A 91 9.27 -8.45 9.96
N ASN A 92 9.21 -7.12 10.03
CA ASN A 92 8.36 -6.45 11.03
C ASN A 92 6.92 -6.29 10.54
N LYS A 93 5.99 -6.87 11.28
CA LYS A 93 4.54 -6.77 10.96
C LYS A 93 3.99 -5.55 11.70
N GLN A 94 3.68 -4.51 10.96
CA GLN A 94 3.30 -3.21 11.52
C GLN A 94 1.92 -2.78 11.07
N THR A 95 1.39 -1.81 11.79
CA THR A 95 0.14 -1.13 11.42
CA THR A 95 0.14 -1.15 11.39
C THR A 95 0.36 0.37 11.50
N ILE A 96 -0.35 1.09 10.67
CA ILE A 96 -0.30 2.56 10.72
C ILE A 96 -1.63 3.11 10.27
N THR A 97 -1.94 4.32 10.70
CA THR A 97 -3.15 5.03 10.28
C THR A 97 -2.74 6.19 9.36
N ILE A 98 -3.48 6.33 8.26
CA ILE A 98 -3.20 7.40 7.28
C ILE A 98 -4.48 8.19 7.06
N LYS A 99 -4.38 9.50 7.27
CA LYS A 99 -5.52 10.39 6.95
C LYS A 99 -5.48 10.71 5.46
N LEU A 100 -6.60 10.53 4.80
CA LEU A 100 -6.71 10.72 3.33
C LEU A 100 -7.00 12.19 3.02
N THR A 101 -5.94 12.99 3.02
CA THR A 101 -6.08 14.46 2.92
C THR A 101 -5.97 14.96 1.47
N LYS A 102 -5.71 14.06 0.52
CA LYS A 102 -5.52 14.47 -0.89
C LYS A 102 -6.47 13.75 -1.85
N THR A 103 -6.76 14.41 -2.96
CA THR A 103 -7.43 13.81 -4.14
C THR A 103 -6.36 13.65 -5.22
N SER A 104 -6.73 13.13 -6.40
CA SER A 104 -5.81 13.04 -7.56
C SER A 104 -6.05 14.23 -8.46
N LYS A 105 -6.62 15.33 -7.96
CA LYS A 105 -6.97 16.45 -8.87
CA LYS A 105 -6.96 16.45 -8.87
C LYS A 105 -5.71 17.01 -9.56
N ASP A 106 -4.54 16.87 -8.94
CA ASP A 106 -3.31 17.47 -9.53
C ASP A 106 -2.38 16.39 -10.10
N LEU A 107 -2.89 15.19 -10.34
CA LEU A 107 -2.07 14.09 -10.89
C LEU A 107 -2.56 13.77 -12.31
N ALA A 108 -1.64 13.39 -13.16
CA ALA A 108 -2.02 12.92 -14.51
C ALA A 108 -1.04 11.84 -14.96
#